data_8A7L
#
_entry.id   8A7L
#
_cell.length_a   86.170
_cell.length_b   86.170
_cell.length_c   119.610
_cell.angle_alpha   90.000
_cell.angle_beta   90.000
_cell.angle_gamma   120.000
#
_symmetry.space_group_name_H-M   'P 32 2 1'
#
loop_
_entity.id
_entity.type
_entity.pdbx_description
1 polymer 'Isoprenyl diphosphate synthase'
2 non-polymer 'MAGNESIUM ION'
3 non-polymer GLYCEROL
4 non-polymer 'ZOLEDRONIC ACID'
5 non-polymer 'GERANYL DIPHOSPHATE'
6 water water
#
_entity_poly.entity_id   1
_entity_poly.type   'polypeptide(L)'
_entity_poly.pdbx_seq_one_letter_code
;GSFSKEESREFMAIFPDIVRDLTDAGRHTDIPEVTKRFAKVLQYNVPTGKKTRGLSTVIAYKMLEKPENLTPENVRLAGI
LGWCVELLQASLLIMDDLMDRSETRRGQPCWYRQENVGFLAINDCLHVESSLYSVLRKYFSHLPCYVPIIELFHDVNFKT
NMGQSLDALCMKDGRPILSQFTMKRYSSIVKYKTSYYTFQLPVSLGMYLADMYDPEQHRQAKTILMEIGEFFQIQDDFLD
AFGDSQVTGKVGTDIKEGKCSWLAVVALQRSNPAQRQIMEEHYGRPEPESTQIIKNLYIELGLPATFAVYEEESFNIIRT
HIHQISKGLPHDLFFKIMKKIYKRDA
;
_entity_poly.pdbx_strand_id   A
#
loop_
_chem_comp.id
_chem_comp.type
_chem_comp.name
_chem_comp.formula
GOL non-polymer GLYCEROL 'C3 H8 O3'
GPP non-polymer 'GERANYL DIPHOSPHATE' 'C10 H20 O7 P2'
MG non-polymer 'MAGNESIUM ION' 'Mg 2'
ZOL non-polymer 'ZOLEDRONIC ACID' 'C5 H10 N2 O7 P2'
#
# COMPACT_ATOMS: atom_id res chain seq x y z
N GLY A 1 -3.82 20.02 -4.74
CA GLY A 1 -3.24 18.84 -5.46
C GLY A 1 -1.72 18.87 -5.48
N SER A 2 -1.11 17.96 -6.25
CA SER A 2 0.33 17.90 -6.61
C SER A 2 1.23 17.49 -5.42
N PHE A 3 0.64 17.05 -4.30
CA PHE A 3 1.38 16.48 -3.14
C PHE A 3 2.46 17.48 -2.66
N SER A 4 2.07 18.73 -2.43
CA SER A 4 2.97 19.83 -1.98
C SER A 4 3.38 19.63 -0.52
N LYS A 5 4.38 20.38 -0.06
CA LYS A 5 4.83 20.42 1.37
C LYS A 5 3.68 20.93 2.24
N GLU A 6 2.94 21.94 1.76
CA GLU A 6 1.79 22.54 2.47
C GLU A 6 0.70 21.48 2.68
N GLU A 7 0.39 20.72 1.63
CA GLU A 7 -0.60 19.60 1.62
C GLU A 7 -0.22 18.61 2.73
N SER A 8 1.06 18.20 2.78
CA SER A 8 1.62 17.25 3.78
C SER A 8 1.47 17.80 5.21
N ARG A 9 1.78 19.08 5.41
CA ARG A 9 1.77 19.72 6.75
C ARG A 9 0.33 19.81 7.27
N GLU A 10 -0.64 20.13 6.40
CA GLU A 10 -2.09 20.18 6.76
C GLU A 10 -2.57 18.78 7.16
N PHE A 11 -2.15 17.76 6.41
CA PHE A 11 -2.51 16.35 6.67
C PHE A 11 -1.87 15.89 7.99
N MET A 12 -0.58 16.15 8.20
CA MET A 12 0.16 15.71 9.41
C MET A 12 -0.44 16.35 10.68
N ALA A 13 -0.98 17.56 10.57
CA ALA A 13 -1.53 18.32 11.72
C ALA A 13 -2.75 17.60 12.29
N ILE A 14 -3.41 16.74 11.52
CA ILE A 14 -4.60 15.97 11.97
C ILE A 14 -4.16 14.77 12.83
N PHE A 15 -2.95 14.23 12.61
CA PHE A 15 -2.55 12.92 13.19
C PHE A 15 -2.67 12.92 14.71
N PRO A 16 -2.15 13.94 15.44
CA PRO A 16 -2.25 13.94 16.90
C PRO A 16 -3.70 13.80 17.42
N ASP A 17 -4.67 14.37 16.69
CA ASP A 17 -6.11 14.28 17.03
C ASP A 17 -6.60 12.85 16.80
N ILE A 18 -6.15 12.17 15.73
CA ILE A 18 -6.48 10.72 15.53
C ILE A 18 -5.99 9.94 16.74
N VAL A 19 -4.75 10.17 17.19
CA VAL A 19 -4.15 9.45 18.35
C VAL A 19 -5.00 9.74 19.60
N ARG A 20 -5.38 10.99 19.83
CA ARG A 20 -6.17 11.40 21.02
C ARG A 20 -7.53 10.67 21.02
N ASP A 21 -8.17 10.60 19.85
CA ASP A 21 -9.50 9.96 19.64
C ASP A 21 -9.45 8.47 20.00
N LEU A 22 -8.34 7.78 19.71
CA LEU A 22 -8.24 6.30 19.82
C LEU A 22 -7.65 5.89 21.16
N THR A 23 -7.19 6.85 21.97
CA THR A 23 -6.49 6.59 23.26
C THR A 23 -7.23 7.25 24.42
N ASP A 24 -8.44 7.76 24.19
CA ASP A 24 -9.27 8.46 25.22
C ASP A 24 -8.45 9.54 25.92
N ALA A 25 -7.57 10.24 25.19
CA ALA A 25 -6.79 11.39 25.72
C ALA A 25 -7.76 12.41 26.33
N GLY A 26 -7.53 12.82 27.58
CA GLY A 26 -8.34 13.83 28.28
C GLY A 26 -9.62 13.26 28.87
N ARG A 27 -9.84 11.94 28.78
CA ARG A 27 -11.10 11.27 29.19
C ARG A 27 -10.74 10.17 30.20
N HIS A 28 -11.65 9.80 31.10
CA HIS A 28 -11.33 8.74 32.10
C HIS A 28 -11.42 7.38 31.40
N THR A 29 -10.44 6.53 31.68
CA THR A 29 -10.41 5.11 31.26
C THR A 29 -10.07 4.27 32.49
N ASP A 30 -10.61 3.06 32.54
CA ASP A 30 -10.29 2.06 33.59
C ASP A 30 -9.06 1.26 33.15
N ILE A 31 -8.52 1.47 31.94
CA ILE A 31 -7.35 0.69 31.43
C ILE A 31 -6.30 1.61 30.83
N PRO A 32 -5.79 2.61 31.61
CA PRO A 32 -4.81 3.56 31.11
C PRO A 32 -3.49 2.92 30.61
N GLU A 33 -3.11 1.76 31.16
CA GLU A 33 -1.90 1.03 30.73
C GLU A 33 -2.01 0.70 29.24
N VAL A 34 -3.20 0.27 28.78
CA VAL A 34 -3.42 -0.11 27.34
C VAL A 34 -3.53 1.14 26.47
N THR A 35 -4.27 2.17 26.91
CA THR A 35 -4.50 3.39 26.09
C THR A 35 -3.16 4.13 25.93
N LYS A 36 -2.32 4.17 26.97
CA LYS A 36 -0.98 4.80 26.90
C LYS A 36 -0.08 4.00 25.95
N ARG A 37 -0.09 2.67 26.05
CA ARG A 37 0.69 1.78 25.15
C ARG A 37 0.20 1.97 23.70
N PHE A 38 -1.12 2.01 23.50
CA PHE A 38 -1.71 2.10 22.13
C PHE A 38 -1.29 3.42 21.48
N ALA A 39 -1.13 4.49 22.26
CA ALA A 39 -0.58 5.79 21.77
C ALA A 39 0.79 5.53 21.12
N LYS A 40 1.65 4.75 21.77
CA LYS A 40 3.01 4.41 21.28
C LYS A 40 2.91 3.49 20.05
N VAL A 41 1.96 2.54 20.03
CA VAL A 41 1.70 1.66 18.84
C VAL A 41 1.39 2.55 17.63
N LEU A 42 0.46 3.50 17.78
CA LEU A 42 0.01 4.42 16.70
C LEU A 42 1.18 5.33 16.30
N GLN A 43 1.90 5.91 17.25
CA GLN A 43 3.00 6.88 16.99
C GLN A 43 4.15 6.18 16.22
N TYR A 44 4.45 4.92 16.53
CA TYR A 44 5.55 4.16 15.90
C TYR A 44 5.17 3.75 14.46
N ASN A 45 3.93 3.27 14.27
CA ASN A 45 3.56 2.39 13.13
C ASN A 45 2.75 3.15 12.07
N VAL A 46 2.19 4.32 12.36
CA VAL A 46 1.17 4.93 11.47
C VAL A 46 1.72 6.11 10.65
N PRO A 47 2.41 7.11 11.24
CA PRO A 47 2.63 8.38 10.55
C PRO A 47 3.97 8.69 9.85
N THR A 48 4.93 7.75 9.82
CA THR A 48 6.31 8.04 9.34
C THR A 48 6.54 7.48 7.92
N GLY A 49 5.50 7.07 7.20
CA GLY A 49 5.57 6.68 5.78
C GLY A 49 5.42 7.87 4.84
N LYS A 50 5.30 7.63 3.54
CA LYS A 50 5.16 8.69 2.51
C LYS A 50 3.75 9.30 2.58
N LYS A 51 2.77 8.57 3.13
CA LYS A 51 1.34 9.03 3.25
C LYS A 51 0.72 9.26 1.87
N THR A 52 1.19 8.55 0.84
CA THR A 52 0.66 8.66 -0.54
C THR A 52 -0.86 8.39 -0.54
N ARG A 53 -1.31 7.35 0.17
CA ARG A 53 -2.73 6.90 0.15
C ARG A 53 -3.60 7.92 0.88
N GLY A 54 -3.19 8.40 2.06
CA GLY A 54 -3.91 9.43 2.81
C GLY A 54 -4.02 10.71 2.00
N LEU A 55 -2.89 11.19 1.47
CA LEU A 55 -2.84 12.46 0.69
C LEU A 55 -3.69 12.29 -0.59
N SER A 56 -3.66 11.12 -1.22
CA SER A 56 -4.45 10.81 -2.44
C SER A 56 -5.95 10.92 -2.14
N THR A 57 -6.39 10.54 -0.94
CA THR A 57 -7.80 10.67 -0.48
C THR A 57 -8.17 12.16 -0.49
N VAL A 58 -7.33 13.02 0.09
CA VAL A 58 -7.60 14.47 0.23
C VAL A 58 -7.62 15.11 -1.16
N ILE A 59 -6.63 14.79 -2.00
CA ILE A 59 -6.49 15.37 -3.36
C ILE A 59 -7.69 14.94 -4.21
N ALA A 60 -8.09 13.67 -4.14
CA ALA A 60 -9.30 13.16 -4.83
C ALA A 60 -10.50 14.01 -4.41
N TYR A 61 -10.73 14.21 -3.11
CA TYR A 61 -11.89 14.99 -2.62
C TYR A 61 -11.82 16.43 -3.17
N LYS A 62 -10.65 17.06 -3.08
CA LYS A 62 -10.46 18.50 -3.47
C LYS A 62 -10.73 18.67 -4.97
N MET A 63 -10.48 17.64 -5.79
CA MET A 63 -10.61 17.72 -7.27
C MET A 63 -11.99 17.21 -7.72
N LEU A 64 -12.76 16.55 -6.87
CA LEU A 64 -14.09 15.99 -7.22
C LEU A 64 -15.21 16.86 -6.65
N GLU A 65 -15.02 17.42 -5.46
CA GLU A 65 -16.02 18.27 -4.75
C GLU A 65 -16.16 19.62 -5.48
N LYS A 66 -17.36 20.20 -5.44
CA LYS A 66 -17.64 21.57 -5.95
C LYS A 66 -16.78 22.55 -5.15
N PRO A 67 -16.09 23.51 -5.80
CA PRO A 67 -15.22 24.46 -5.10
C PRO A 67 -15.88 25.15 -3.90
N GLU A 68 -17.17 25.49 -3.99
CA GLU A 68 -17.90 26.23 -2.93
C GLU A 68 -18.08 25.37 -1.68
N ASN A 69 -17.91 24.04 -1.78
CA ASN A 69 -18.08 23.10 -0.64
C ASN A 69 -16.75 22.80 0.04
N LEU A 70 -15.62 23.35 -0.45
CA LEU A 70 -14.27 23.08 0.10
C LEU A 70 -13.99 24.03 1.28
N THR A 71 -14.83 23.95 2.31
CA THR A 71 -14.64 24.66 3.61
C THR A 71 -13.48 24.02 4.35
N PRO A 72 -12.82 24.72 5.30
CA PRO A 72 -11.80 24.08 6.15
C PRO A 72 -12.35 22.79 6.80
N GLU A 73 -13.63 22.79 7.19
CA GLU A 73 -14.26 21.66 7.92
C GLU A 73 -14.36 20.44 7.01
N ASN A 74 -14.82 20.62 5.76
CA ASN A 74 -14.95 19.51 4.78
C ASN A 74 -13.56 18.99 4.39
N VAL A 75 -12.58 19.88 4.23
CA VAL A 75 -11.18 19.49 3.90
C VAL A 75 -10.61 18.69 5.08
N ARG A 76 -10.94 19.06 6.32
CA ARG A 76 -10.49 18.31 7.53
C ARG A 76 -11.08 16.90 7.49
N LEU A 77 -12.38 16.76 7.17
CA LEU A 77 -13.05 15.43 7.06
C LEU A 77 -12.31 14.55 6.05
N ALA A 78 -11.94 15.09 4.89
CA ALA A 78 -11.19 14.35 3.85
C ALA A 78 -9.86 13.86 4.42
N GLY A 79 -9.15 14.72 5.17
CA GLY A 79 -7.88 14.40 5.84
C GLY A 79 -8.05 13.28 6.86
N ILE A 80 -9.12 13.33 7.65
CA ILE A 80 -9.48 12.26 8.64
C ILE A 80 -9.73 10.96 7.87
N LEU A 81 -10.46 11.03 6.76
CA LEU A 81 -10.72 9.85 5.89
C LEU A 81 -9.38 9.31 5.36
N GLY A 82 -8.48 10.18 4.94
CA GLY A 82 -7.09 9.82 4.55
C GLY A 82 -6.38 9.07 5.66
N TRP A 83 -6.48 9.53 6.91
CA TRP A 83 -5.81 8.88 8.05
C TRP A 83 -6.39 7.48 8.30
N CYS A 84 -7.69 7.26 8.03
CA CYS A 84 -8.33 5.92 8.12
C CYS A 84 -7.66 4.98 7.12
N VAL A 85 -7.32 5.47 5.93
CA VAL A 85 -6.57 4.64 4.94
C VAL A 85 -5.18 4.35 5.51
N GLU A 86 -4.52 5.33 6.14
CA GLU A 86 -3.16 5.15 6.71
C GLU A 86 -3.20 4.18 7.89
N LEU A 87 -4.30 4.12 8.64
CA LEU A 87 -4.48 3.12 9.73
C LEU A 87 -4.53 1.73 9.09
N LEU A 88 -5.28 1.55 8.00
CA LEU A 88 -5.34 0.23 7.28
C LEU A 88 -3.93 -0.14 6.79
N GLN A 89 -3.22 0.79 6.16
CA GLN A 89 -1.82 0.60 5.68
C GLN A 89 -0.94 0.17 6.87
N ALA A 90 -0.98 0.91 7.97
CA ALA A 90 -0.16 0.64 9.18
C ALA A 90 -0.41 -0.80 9.67
N SER A 91 -1.67 -1.19 9.78
CA SER A 91 -2.08 -2.55 10.22
C SER A 91 -1.49 -3.60 9.28
N LEU A 92 -1.65 -3.41 7.96
N LEU A 92 -1.65 -3.41 7.96
CA LEU A 92 -1.17 -4.35 6.92
CA LEU A 92 -1.17 -4.37 6.93
C LEU A 92 0.34 -4.55 7.07
C LEU A 92 0.35 -4.56 7.05
N LEU A 93 1.10 -3.47 7.20
CA LEU A 93 2.59 -3.52 7.25
C LEU A 93 3.08 -4.22 8.53
N ILE A 94 2.44 -4.00 9.67
CA ILE A 94 2.81 -4.72 10.93
C ILE A 94 2.75 -6.22 10.65
N MET A 95 1.63 -6.69 10.09
CA MET A 95 1.41 -8.13 9.82
C MET A 95 2.35 -8.62 8.70
N ASP A 96 2.47 -7.82 7.64
CA ASP A 96 3.29 -8.17 6.46
C ASP A 96 4.76 -8.39 6.87
N ASP A 97 5.29 -7.57 7.80
CA ASP A 97 6.69 -7.67 8.29
C ASP A 97 6.90 -8.97 9.07
N LEU A 98 5.90 -9.39 9.86
CA LEU A 98 5.94 -10.71 10.56
C LEU A 98 6.00 -11.83 9.51
N MET A 99 5.10 -11.79 8.53
CA MET A 99 4.96 -12.86 7.52
C MET A 99 6.19 -12.92 6.61
N ASP A 100 6.83 -11.78 6.36
CA ASP A 100 7.97 -11.66 5.41
C ASP A 100 9.31 -11.74 6.18
N ARG A 101 9.25 -11.91 7.51
CA ARG A 101 10.44 -12.00 8.39
C ARG A 101 11.36 -10.81 8.09
N SER A 102 10.80 -9.60 7.98
CA SER A 102 11.53 -8.37 7.59
C SER A 102 12.31 -7.82 8.80
N GLU A 103 13.32 -6.99 8.52
CA GLU A 103 14.26 -6.42 9.52
C GLU A 103 13.84 -4.98 9.83
N THR A 104 13.67 -4.14 8.80
CA THR A 104 13.42 -2.69 8.98
C THR A 104 12.21 -2.27 8.15
N ARG A 105 11.51 -1.25 8.66
CA ARG A 105 10.33 -0.61 8.04
C ARG A 105 10.43 0.89 8.36
N ARG A 106 10.43 1.75 7.35
CA ARG A 106 10.45 3.23 7.52
C ARG A 106 11.68 3.60 8.38
N GLY A 107 12.80 2.91 8.16
CA GLY A 107 14.12 3.24 8.75
C GLY A 107 14.21 2.96 10.23
N GLN A 108 13.34 2.10 10.77
CA GLN A 108 13.38 1.66 12.19
C GLN A 108 13.10 0.16 12.22
N PRO A 109 13.41 -0.56 13.32
CA PRO A 109 13.09 -1.98 13.39
C PRO A 109 11.60 -2.24 13.12
N CYS A 110 11.28 -3.29 12.38
CA CYS A 110 9.89 -3.80 12.26
C CYS A 110 9.32 -3.91 13.68
N TRP A 111 8.05 -3.57 13.85
CA TRP A 111 7.38 -3.45 15.16
C TRP A 111 7.54 -4.76 15.96
N TYR A 112 7.36 -5.92 15.31
CA TYR A 112 7.42 -7.25 15.98
C TYR A 112 8.82 -7.51 16.57
N ARG A 113 9.86 -6.84 16.07
CA ARG A 113 11.26 -7.05 16.51
C ARG A 113 11.60 -6.18 17.73
N GLN A 114 10.71 -5.24 18.09
CA GLN A 114 10.94 -4.34 19.26
C GLN A 114 10.77 -5.13 20.57
N GLU A 115 11.34 -4.64 21.66
CA GLU A 115 11.34 -5.30 22.99
C GLU A 115 9.90 -5.40 23.50
N ASN A 116 9.51 -6.60 23.95
CA ASN A 116 8.19 -6.90 24.58
C ASN A 116 7.04 -6.64 23.59
N VAL A 117 7.28 -6.84 22.28
CA VAL A 117 6.20 -6.86 21.26
C VAL A 117 6.03 -8.31 20.79
N GLY A 118 6.91 -8.81 19.92
CA GLY A 118 6.81 -10.18 19.38
C GLY A 118 5.43 -10.43 18.81
N PHE A 119 4.80 -11.55 19.20
CA PHE A 119 3.49 -12.01 18.67
C PHE A 119 2.36 -11.04 19.09
N LEU A 120 2.63 -10.15 20.05
CA LEU A 120 1.71 -9.06 20.46
C LEU A 120 1.47 -8.12 19.27
N ALA A 121 2.42 -8.05 18.34
CA ALA A 121 2.28 -7.31 17.08
C ALA A 121 1.03 -7.80 16.32
N ILE A 122 0.67 -9.08 16.46
CA ILE A 122 -0.55 -9.64 15.80
C ILE A 122 -1.76 -8.89 16.35
N ASN A 123 -1.87 -8.82 17.68
CA ASN A 123 -2.98 -8.09 18.35
C ASN A 123 -2.94 -6.62 17.93
N ASP A 124 -1.76 -6.00 17.92
CA ASP A 124 -1.58 -4.58 17.56
C ASP A 124 -2.04 -4.36 16.11
N CYS A 125 -1.70 -5.29 15.21
CA CYS A 125 -2.20 -5.30 13.81
C CYS A 125 -3.74 -5.20 13.80
N LEU A 126 -4.41 -6.12 14.50
CA LEU A 126 -5.90 -6.18 14.58
C LEU A 126 -6.43 -4.88 15.20
N HIS A 127 -5.77 -4.40 16.24
CA HIS A 127 -6.19 -3.23 17.04
C HIS A 127 -6.17 -1.97 16.14
N VAL A 128 -5.08 -1.77 15.41
CA VAL A 128 -4.91 -0.58 14.52
C VAL A 128 -6.01 -0.62 13.44
N GLU A 129 -6.26 -1.79 12.84
CA GLU A 129 -7.31 -1.97 11.81
C GLU A 129 -8.69 -1.63 12.41
N SER A 130 -9.07 -2.24 13.53
CA SER A 130 -10.39 -2.02 14.16
C SER A 130 -10.59 -0.53 14.46
N SER A 131 -9.51 0.19 14.77
CA SER A 131 -9.57 1.61 15.24
C SER A 131 -10.08 2.54 14.14
N LEU A 132 -9.87 2.24 12.85
CA LEU A 132 -10.30 3.18 11.77
C LEU A 132 -11.83 3.29 11.78
N TYR A 133 -12.56 2.23 12.16
CA TYR A 133 -14.05 2.22 12.19
C TYR A 133 -14.58 3.13 13.31
N SER A 134 -13.79 3.31 14.38
CA SER A 134 -14.13 4.22 15.50
CA SER A 134 -14.15 4.22 15.50
C SER A 134 -14.07 5.67 15.00
N VAL A 135 -13.02 5.98 14.25
CA VAL A 135 -12.83 7.32 13.61
C VAL A 135 -13.98 7.57 12.63
N LEU A 136 -14.33 6.58 11.81
CA LEU A 136 -15.44 6.72 10.83
C LEU A 136 -16.74 7.05 11.57
N ARG A 137 -17.04 6.31 12.65
CA ARG A 137 -18.29 6.54 13.43
C ARG A 137 -18.30 7.97 13.98
N LYS A 138 -17.17 8.44 14.53
CA LYS A 138 -17.09 9.75 15.24
C LYS A 138 -17.44 10.88 14.26
N TYR A 139 -16.87 10.89 13.06
CA TYR A 139 -16.91 12.08 12.17
C TYR A 139 -17.89 11.93 11.00
N PHE A 140 -18.36 10.73 10.65
CA PHE A 140 -19.11 10.52 9.39
C PHE A 140 -20.49 9.87 9.59
N SER A 141 -20.88 9.48 10.82
CA SER A 141 -22.07 8.63 11.06
C SER A 141 -23.35 9.36 10.60
N HIS A 142 -23.34 10.69 10.56
CA HIS A 142 -24.52 11.53 10.22
C HIS A 142 -24.63 11.76 8.71
N LEU A 143 -23.66 11.30 7.91
CA LEU A 143 -23.58 11.67 6.45
C LEU A 143 -24.14 10.56 5.57
N PRO A 144 -24.74 10.92 4.42
CA PRO A 144 -25.18 9.93 3.43
C PRO A 144 -24.09 8.93 3.01
N CYS A 145 -22.81 9.34 3.01
CA CYS A 145 -21.68 8.49 2.53
C CYS A 145 -21.22 7.48 3.60
N TYR A 146 -21.79 7.49 4.81
CA TYR A 146 -21.31 6.68 5.95
C TYR A 146 -21.28 5.19 5.59
N VAL A 147 -22.41 4.62 5.16
CA VAL A 147 -22.52 3.15 4.89
C VAL A 147 -21.68 2.80 3.67
N PRO A 148 -21.77 3.52 2.52
CA PRO A 148 -20.85 3.28 1.41
C PRO A 148 -19.37 3.22 1.84
N ILE A 149 -18.94 4.17 2.68
CA ILE A 149 -17.53 4.25 3.14
C ILE A 149 -17.19 3.01 3.99
N ILE A 150 -18.04 2.65 4.96
CA ILE A 150 -17.79 1.46 5.83
C ILE A 150 -17.70 0.21 4.95
N GLU A 151 -18.67 0.00 4.05
CA GLU A 151 -18.75 -1.21 3.21
C GLU A 151 -17.51 -1.28 2.31
N LEU A 152 -17.01 -0.15 1.83
CA LEU A 152 -15.79 -0.12 0.96
C LEU A 152 -14.57 -0.58 1.77
N PHE A 153 -14.40 -0.06 3.00
CA PHE A 153 -13.29 -0.49 3.89
C PHE A 153 -13.39 -2.00 4.16
N HIS A 154 -14.58 -2.50 4.49
CA HIS A 154 -14.81 -3.95 4.76
C HIS A 154 -14.40 -4.78 3.53
N ASP A 155 -14.88 -4.38 2.36
CA ASP A 155 -14.64 -5.13 1.10
C ASP A 155 -13.14 -5.09 0.77
N VAL A 156 -12.51 -3.92 0.85
CA VAL A 156 -11.07 -3.76 0.51
C VAL A 156 -10.23 -4.58 1.51
N ASN A 157 -10.58 -4.56 2.81
CA ASN A 157 -9.87 -5.38 3.83
C ASN A 157 -9.90 -6.85 3.41
N PHE A 158 -11.08 -7.39 3.10
CA PHE A 158 -11.29 -8.81 2.72
C PHE A 158 -10.45 -9.14 1.48
N LYS A 159 -10.51 -8.29 0.45
CA LYS A 159 -9.76 -8.49 -0.82
C LYS A 159 -8.25 -8.50 -0.53
N THR A 160 -7.77 -7.60 0.33
CA THR A 160 -6.33 -7.45 0.66
C THR A 160 -5.85 -8.74 1.34
N ASN A 161 -6.67 -9.31 2.23
CA ASN A 161 -6.38 -10.60 2.92
C ASN A 161 -6.22 -11.71 1.88
N MET A 162 -7.12 -11.79 0.90
N MET A 162 -7.13 -11.78 0.91
CA MET A 162 -7.06 -12.80 -0.18
CA MET A 162 -7.08 -12.78 -0.20
C MET A 162 -5.72 -12.65 -0.92
C MET A 162 -5.74 -12.65 -0.93
N GLY A 163 -5.31 -11.41 -1.20
CA GLY A 163 -4.03 -11.11 -1.88
C GLY A 163 -2.81 -11.50 -1.06
N GLN A 164 -2.81 -11.18 0.23
CA GLN A 164 -1.73 -11.59 1.17
C GLN A 164 -1.61 -13.12 1.18
N SER A 165 -2.74 -13.85 1.15
CA SER A 165 -2.75 -15.34 1.15
C SER A 165 -2.11 -15.87 -0.14
N LEU A 166 -2.54 -15.37 -1.31
CA LEU A 166 -1.97 -15.85 -2.61
C LEU A 166 -0.46 -15.54 -2.67
N ASP A 167 -0.05 -14.35 -2.24
CA ASP A 167 1.37 -13.94 -2.12
C ASP A 167 2.15 -14.98 -1.29
N ALA A 168 1.58 -15.47 -0.19
CA ALA A 168 2.22 -16.40 0.77
C ALA A 168 2.35 -17.81 0.18
N LEU A 169 1.51 -18.18 -0.79
CA LEU A 169 1.50 -19.57 -1.35
C LEU A 169 2.52 -19.70 -2.49
N CYS A 170 3.62 -18.96 -2.42
CA CYS A 170 4.75 -18.99 -3.38
C CYS A 170 5.63 -20.22 -3.10
N MET A 171 5.57 -20.73 -1.86
CA MET A 171 6.44 -21.81 -1.36
C MET A 171 5.58 -22.95 -0.80
N LYS A 172 6.06 -24.18 -0.96
CA LYS A 172 5.53 -25.39 -0.30
C LYS A 172 6.71 -26.38 -0.18
N ASP A 173 6.90 -26.96 1.00
CA ASP A 173 8.04 -27.87 1.34
C ASP A 173 9.36 -27.11 1.21
N GLY A 174 9.36 -25.82 1.55
CA GLY A 174 10.56 -24.97 1.65
C GLY A 174 11.19 -24.60 0.31
N ARG A 175 10.58 -24.98 -0.82
CA ARG A 175 11.06 -24.62 -2.19
C ARG A 175 10.00 -23.77 -2.89
N PRO A 176 10.39 -22.77 -3.71
CA PRO A 176 9.44 -21.97 -4.48
C PRO A 176 8.88 -22.78 -5.66
N ILE A 177 7.61 -22.53 -6.00
CA ILE A 177 6.88 -23.24 -7.09
C ILE A 177 7.07 -22.44 -8.38
N LEU A 178 8.30 -22.45 -8.92
CA LEU A 178 8.76 -21.59 -10.06
C LEU A 178 7.90 -21.84 -11.30
N SER A 179 7.42 -23.07 -11.49
CA SER A 179 6.53 -23.47 -12.61
C SER A 179 5.26 -22.62 -12.62
N GLN A 180 4.84 -22.10 -11.46
CA GLN A 180 3.58 -21.31 -11.30
C GLN A 180 3.86 -19.80 -11.34
N PHE A 181 5.13 -19.38 -11.39
CA PHE A 181 5.53 -17.94 -11.40
C PHE A 181 5.31 -17.36 -12.81
N THR A 182 4.04 -17.18 -13.18
CA THR A 182 3.60 -16.63 -14.50
C THR A 182 3.16 -15.17 -14.28
N MET A 183 3.10 -14.40 -15.36
CA MET A 183 2.61 -13.00 -15.31
C MET A 183 1.13 -13.01 -14.90
N LYS A 184 0.39 -14.06 -15.27
CA LYS A 184 -1.04 -14.25 -14.91
C LYS A 184 -1.16 -14.33 -13.38
N ARG A 185 -0.39 -15.22 -12.74
CA ARG A 185 -0.39 -15.34 -11.26
C ARG A 185 0.01 -13.98 -10.66
N TYR A 186 1.06 -13.36 -11.19
CA TYR A 186 1.59 -12.06 -10.68
C TYR A 186 0.48 -11.00 -10.68
N SER A 187 -0.21 -10.85 -11.80
CA SER A 187 -1.29 -9.83 -11.96
C SER A 187 -2.37 -10.05 -10.90
N SER A 188 -2.75 -11.31 -10.67
CA SER A 188 -3.78 -11.70 -9.68
C SER A 188 -3.33 -11.30 -8.27
N ILE A 189 -2.09 -11.63 -7.90
CA ILE A 189 -1.53 -11.32 -6.55
C ILE A 189 -1.63 -9.81 -6.30
N VAL A 190 -1.10 -9.00 -7.20
CA VAL A 190 -0.91 -7.53 -6.96
C VAL A 190 -2.27 -6.82 -7.00
N LYS A 191 -3.22 -7.31 -7.81
CA LYS A 191 -4.61 -6.79 -7.86
C LYS A 191 -5.21 -6.82 -6.44
N TYR A 192 -5.11 -7.97 -5.78
CA TYR A 192 -5.73 -8.19 -4.44
C TYR A 192 -4.84 -7.63 -3.32
N LYS A 193 -3.53 -7.83 -3.34
CA LYS A 193 -2.68 -7.50 -2.16
C LYS A 193 -2.32 -6.01 -2.14
N THR A 194 -2.45 -5.28 -3.26
CA THR A 194 -1.97 -3.88 -3.33
C THR A 194 -3.01 -2.94 -3.96
N SER A 195 -3.52 -3.27 -5.14
CA SER A 195 -4.24 -2.28 -6.00
C SER A 195 -5.50 -1.75 -5.32
N TYR A 196 -6.31 -2.63 -4.73
CA TYR A 196 -7.60 -2.24 -4.10
C TYR A 196 -7.36 -1.20 -3.00
N TYR A 197 -6.44 -1.46 -2.08
CA TYR A 197 -6.30 -0.61 -0.85
C TYR A 197 -5.44 0.62 -1.17
N THR A 198 -4.55 0.54 -2.16
CA THR A 198 -3.56 1.63 -2.40
C THR A 198 -4.17 2.73 -3.28
N PHE A 199 -4.94 2.37 -4.31
CA PHE A 199 -5.42 3.33 -5.34
C PHE A 199 -6.95 3.39 -5.40
N GLN A 200 -7.64 2.25 -5.51
CA GLN A 200 -9.12 2.19 -5.59
C GLN A 200 -9.71 2.84 -4.32
N LEU A 201 -9.22 2.47 -3.14
CA LEU A 201 -9.82 2.90 -1.85
C LEU A 201 -9.74 4.42 -1.71
N PRO A 202 -8.56 5.08 -1.79
CA PRO A 202 -8.50 6.55 -1.68
C PRO A 202 -9.42 7.34 -2.61
N VAL A 203 -9.48 6.98 -3.89
CA VAL A 203 -10.23 7.78 -4.89
C VAL A 203 -11.74 7.55 -4.67
N SER A 204 -12.15 6.30 -4.44
CA SER A 204 -13.56 5.92 -4.18
C SER A 204 -14.05 6.66 -2.93
N LEU A 205 -13.19 6.80 -1.91
CA LEU A 205 -13.51 7.54 -0.66
C LEU A 205 -13.72 9.02 -0.98
N GLY A 206 -12.81 9.62 -1.75
CA GLY A 206 -12.93 11.00 -2.26
C GLY A 206 -14.26 11.22 -2.96
N MET A 207 -14.64 10.27 -3.83
CA MET A 207 -15.92 10.33 -4.60
C MET A 207 -17.09 10.26 -3.61
N TYR A 208 -17.07 9.32 -2.68
CA TYR A 208 -18.16 9.13 -1.69
C TYR A 208 -18.32 10.41 -0.86
N LEU A 209 -17.22 11.01 -0.38
CA LEU A 209 -17.31 12.21 0.49
C LEU A 209 -17.91 13.38 -0.30
N ALA A 210 -17.72 13.41 -1.63
CA ALA A 210 -18.33 14.41 -2.54
C ALA A 210 -19.72 13.95 -3.00
N ASP A 211 -20.27 12.89 -2.39
CA ASP A 211 -21.62 12.31 -2.68
C ASP A 211 -21.70 11.94 -4.17
N MET A 212 -20.65 11.32 -4.70
CA MET A 212 -20.62 10.77 -6.07
C MET A 212 -20.77 9.24 -5.97
N TYR A 213 -21.94 8.73 -6.35
CA TYR A 213 -22.32 7.30 -6.19
C TYR A 213 -22.59 6.65 -7.55
N ASP A 214 -22.36 7.38 -8.66
CA ASP A 214 -22.65 6.88 -10.03
C ASP A 214 -21.83 5.62 -10.30
N PRO A 215 -22.48 4.46 -10.55
CA PRO A 215 -21.74 3.20 -10.75
C PRO A 215 -20.71 3.25 -11.89
N GLU A 216 -21.04 3.94 -12.98
CA GLU A 216 -20.17 4.04 -14.19
C GLU A 216 -18.92 4.88 -13.88
N GLN A 217 -19.06 5.95 -13.10
CA GLN A 217 -17.92 6.81 -12.67
C GLN A 217 -16.97 5.96 -11.81
N HIS A 218 -17.50 5.17 -10.88
CA HIS A 218 -16.71 4.27 -9.99
C HIS A 218 -16.00 3.19 -10.82
N ARG A 219 -16.68 2.61 -11.83
CA ARG A 219 -16.11 1.54 -12.69
C ARG A 219 -14.95 2.12 -13.52
N GLN A 220 -15.11 3.32 -14.09
CA GLN A 220 -14.06 3.98 -14.90
C GLN A 220 -12.84 4.27 -14.03
N ALA A 221 -13.03 4.87 -12.86
CA ALA A 221 -11.97 5.12 -11.86
C ALA A 221 -11.24 3.81 -11.54
N LYS A 222 -12.00 2.75 -11.23
CA LYS A 222 -11.44 1.42 -10.85
C LYS A 222 -10.54 0.89 -11.97
N THR A 223 -10.98 0.93 -13.22
CA THR A 223 -10.20 0.41 -14.37
C THR A 223 -8.80 1.03 -14.37
N ILE A 224 -8.71 2.36 -14.30
CA ILE A 224 -7.39 3.08 -14.34
C ILE A 224 -6.62 2.75 -13.05
N LEU A 225 -7.27 2.76 -11.89
CA LEU A 225 -6.56 2.62 -10.60
C LEU A 225 -6.01 1.19 -10.44
N MET A 226 -6.65 0.16 -11.01
CA MET A 226 -6.11 -1.23 -10.93
C MET A 226 -4.86 -1.33 -11.81
N GLU A 227 -4.82 -0.60 -12.93
CA GLU A 227 -3.61 -0.52 -13.80
C GLU A 227 -2.47 0.17 -13.03
N ILE A 228 -2.77 1.30 -12.40
CA ILE A 228 -1.79 2.08 -11.60
C ILE A 228 -1.27 1.20 -10.46
N GLY A 229 -2.16 0.43 -9.81
CA GLY A 229 -1.81 -0.47 -8.70
C GLY A 229 -0.77 -1.50 -9.09
N GLU A 230 -0.99 -2.19 -10.21
CA GLU A 230 -0.03 -3.20 -10.75
C GLU A 230 1.32 -2.52 -10.98
N PHE A 231 1.32 -1.37 -11.65
CA PHE A 231 2.53 -0.55 -11.93
C PHE A 231 3.27 -0.26 -10.62
N PHE A 232 2.54 0.17 -9.59
CA PHE A 232 3.11 0.54 -8.27
C PHE A 232 3.78 -0.68 -7.61
N GLN A 233 3.15 -1.86 -7.66
CA GLN A 233 3.71 -3.09 -7.01
C GLN A 233 4.93 -3.58 -7.80
N ILE A 234 4.96 -3.39 -9.12
CA ILE A 234 6.17 -3.72 -9.93
C ILE A 234 7.34 -2.86 -9.45
N GLN A 235 7.11 -1.55 -9.24
CA GLN A 235 8.12 -0.61 -8.69
C GLN A 235 8.59 -1.12 -7.33
N ASP A 236 7.66 -1.56 -6.48
CA ASP A 236 7.97 -2.07 -5.11
C ASP A 236 8.92 -3.27 -5.22
N ASP A 237 8.63 -4.18 -6.15
CA ASP A 237 9.41 -5.43 -6.37
C ASP A 237 10.82 -5.07 -6.83
N PHE A 238 10.96 -4.06 -7.70
CA PHE A 238 12.30 -3.58 -8.13
C PHE A 238 13.06 -3.07 -6.90
N LEU A 239 12.41 -2.26 -6.06
CA LEU A 239 13.04 -1.66 -4.85
C LEU A 239 13.55 -2.77 -3.92
N ASP A 240 12.84 -3.90 -3.84
CA ASP A 240 13.22 -5.02 -2.94
C ASP A 240 14.64 -5.50 -3.25
N ALA A 241 14.98 -5.65 -4.54
CA ALA A 241 16.28 -6.21 -4.99
C ALA A 241 17.34 -5.11 -5.14
N PHE A 242 16.98 -3.94 -5.67
CA PHE A 242 17.94 -2.92 -6.20
C PHE A 242 17.80 -1.56 -5.51
N GLY A 243 16.85 -1.40 -4.59
CA GLY A 243 16.68 -0.17 -3.81
C GLY A 243 17.84 0.05 -2.87
N ASP A 244 18.04 1.30 -2.45
CA ASP A 244 18.96 1.70 -1.36
C ASP A 244 18.14 1.77 -0.07
N SER A 245 18.43 0.90 0.90
CA SER A 245 17.66 0.77 2.17
C SER A 245 17.69 2.09 2.96
N GLN A 246 18.70 2.95 2.76
CA GLN A 246 18.80 4.28 3.41
C GLN A 246 17.74 5.24 2.84
N VAL A 247 17.22 4.95 1.64
CA VAL A 247 16.19 5.77 0.93
C VAL A 247 14.81 5.11 1.08
N THR A 248 14.74 3.78 0.89
CA THR A 248 13.48 3.00 0.90
C THR A 248 13.03 2.80 2.36
N GLY A 249 13.98 2.74 3.29
CA GLY A 249 13.71 2.56 4.74
C GLY A 249 13.50 1.10 5.11
N LYS A 250 13.68 0.18 4.16
CA LYS A 250 13.41 -1.27 4.37
C LYS A 250 14.47 -2.11 3.66
N VAL A 251 14.76 -3.28 4.23
CA VAL A 251 15.70 -4.30 3.69
C VAL A 251 14.86 -5.37 2.99
N GLY A 252 15.20 -5.69 1.74
CA GLY A 252 14.43 -6.61 0.88
C GLY A 252 14.59 -8.05 1.34
N THR A 253 13.55 -8.86 1.13
CA THR A 253 13.48 -10.29 1.55
C THR A 253 12.87 -11.17 0.46
N ASP A 254 12.48 -10.62 -0.71
CA ASP A 254 11.67 -11.35 -1.71
C ASP A 254 12.43 -12.61 -2.17
N ILE A 255 13.73 -12.50 -2.43
CA ILE A 255 14.55 -13.64 -2.96
C ILE A 255 14.59 -14.73 -1.88
N LYS A 256 14.97 -14.39 -0.65
CA LYS A 256 15.08 -15.35 0.49
C LYS A 256 13.73 -16.03 0.76
N GLU A 257 12.61 -15.29 0.68
CA GLU A 257 11.25 -15.80 1.00
C GLU A 257 10.63 -16.46 -0.24
N GLY A 258 11.32 -16.46 -1.38
CA GLY A 258 10.89 -17.20 -2.58
C GLY A 258 9.64 -16.62 -3.21
N LYS A 259 9.51 -15.29 -3.17
CA LYS A 259 8.27 -14.58 -3.59
C LYS A 259 8.11 -14.60 -5.12
N CYS A 260 6.87 -14.63 -5.59
CA CYS A 260 6.50 -14.46 -7.01
C CYS A 260 6.55 -12.96 -7.33
N SER A 261 7.74 -12.37 -7.26
CA SER A 261 7.98 -10.94 -7.57
C SER A 261 8.03 -10.78 -9.11
N TRP A 262 7.81 -9.56 -9.58
CA TRP A 262 7.95 -9.21 -11.02
C TRP A 262 9.34 -9.64 -11.51
N LEU A 263 10.39 -9.37 -10.75
CA LEU A 263 11.80 -9.71 -11.12
C LEU A 263 11.93 -11.22 -11.31
N ALA A 264 11.35 -12.03 -10.42
CA ALA A 264 11.39 -13.51 -10.50
C ALA A 264 10.68 -13.97 -11.78
N VAL A 265 9.48 -13.43 -12.03
CA VAL A 265 8.64 -13.81 -13.21
C VAL A 265 9.41 -13.49 -14.49
N VAL A 266 9.98 -12.29 -14.58
CA VAL A 266 10.69 -11.80 -15.81
C VAL A 266 12.02 -12.55 -15.95
N ALA A 267 12.73 -12.81 -14.85
CA ALA A 267 13.98 -13.62 -14.83
C ALA A 267 13.71 -14.99 -15.49
N LEU A 268 12.62 -15.66 -15.10
CA LEU A 268 12.24 -17.00 -15.64
C LEU A 268 11.88 -16.89 -17.13
N GLN A 269 11.22 -15.81 -17.56
CA GLN A 269 10.87 -15.58 -18.99
C GLN A 269 12.16 -15.44 -19.82
N ARG A 270 13.16 -14.74 -19.30
CA ARG A 270 14.37 -14.31 -20.05
C ARG A 270 15.51 -15.32 -19.89
N SER A 271 15.41 -16.26 -18.94
CA SER A 271 16.48 -17.21 -18.54
C SER A 271 16.72 -18.26 -19.64
N ASN A 272 17.99 -18.53 -19.98
CA ASN A 272 18.39 -19.75 -20.74
C ASN A 272 18.33 -20.92 -19.76
N PRO A 273 18.42 -22.19 -20.23
CA PRO A 273 18.35 -23.36 -19.36
C PRO A 273 19.27 -23.31 -18.14
N ALA A 274 20.54 -22.90 -18.32
CA ALA A 274 21.55 -22.77 -17.24
C ALA A 274 21.05 -21.77 -16.19
N GLN A 275 20.55 -20.62 -16.65
CA GLN A 275 20.06 -19.52 -15.77
C GLN A 275 18.81 -19.99 -15.01
N ARG A 276 17.95 -20.79 -15.65
CA ARG A 276 16.76 -21.42 -15.00
C ARG A 276 17.24 -22.32 -13.86
N GLN A 277 18.27 -23.14 -14.11
CA GLN A 277 18.89 -24.05 -13.11
C GLN A 277 19.31 -23.26 -11.88
N ILE A 278 19.91 -22.06 -12.08
CA ILE A 278 20.42 -21.19 -10.98
C ILE A 278 19.25 -20.75 -10.09
N MET A 279 18.12 -20.33 -10.69
CA MET A 279 16.88 -19.95 -9.96
C MET A 279 16.39 -21.17 -9.15
N GLU A 280 16.28 -22.33 -9.79
CA GLU A 280 15.73 -23.57 -9.18
C GLU A 280 16.60 -23.98 -7.98
N GLU A 281 17.91 -23.74 -8.06
CA GLU A 281 18.88 -24.14 -7.01
C GLU A 281 18.94 -23.08 -5.88
N HIS A 282 18.86 -21.79 -6.20
CA HIS A 282 19.28 -20.69 -5.29
C HIS A 282 18.14 -19.72 -4.92
N TYR A 283 16.97 -19.79 -5.56
CA TYR A 283 15.83 -18.90 -5.21
C TYR A 283 15.13 -19.45 -3.96
N GLY A 284 14.74 -18.56 -3.05
CA GLY A 284 13.97 -18.93 -1.83
C GLY A 284 14.81 -19.75 -0.87
N ARG A 285 16.06 -19.36 -0.66
CA ARG A 285 17.02 -20.03 0.26
C ARG A 285 17.39 -19.07 1.38
N PRO A 286 17.68 -19.58 2.61
CA PRO A 286 18.11 -18.71 3.71
C PRO A 286 19.55 -18.19 3.62
N GLU A 287 20.44 -18.88 2.89
CA GLU A 287 21.89 -18.55 2.82
C GLU A 287 22.09 -17.22 2.10
N PRO A 288 22.77 -16.22 2.71
CA PRO A 288 23.06 -14.95 2.03
C PRO A 288 23.69 -15.10 0.63
N GLU A 289 24.61 -16.06 0.46
CA GLU A 289 25.33 -16.30 -0.83
C GLU A 289 24.32 -16.69 -1.92
N SER A 290 23.25 -17.41 -1.56
CA SER A 290 22.16 -17.80 -2.50
C SER A 290 21.42 -16.56 -3.00
N THR A 291 21.12 -15.62 -2.11
CA THR A 291 20.48 -14.32 -2.45
C THR A 291 21.40 -13.54 -3.42
N GLN A 292 22.70 -13.48 -3.12
CA GLN A 292 23.69 -12.72 -3.92
C GLN A 292 23.78 -13.33 -5.33
N ILE A 293 23.76 -14.66 -5.43
CA ILE A 293 23.79 -15.39 -6.73
C ILE A 293 22.58 -14.97 -7.57
N ILE A 294 21.39 -14.90 -6.95
CA ILE A 294 20.14 -14.51 -7.68
C ILE A 294 20.25 -13.04 -8.11
N LYS A 295 20.76 -12.16 -7.24
CA LYS A 295 20.93 -10.72 -7.58
C LYS A 295 21.91 -10.59 -8.75
N ASN A 296 22.99 -11.37 -8.75
CA ASN A 296 24.02 -11.39 -9.83
C ASN A 296 23.35 -11.83 -11.15
N LEU A 297 22.48 -12.83 -11.11
CA LEU A 297 21.73 -13.31 -12.30
C LEU A 297 20.80 -12.20 -12.81
N TYR A 298 20.11 -11.51 -11.90
CA TYR A 298 19.21 -10.38 -12.24
C TYR A 298 20.01 -9.31 -12.99
N ILE A 299 21.22 -9.00 -12.53
CA ILE A 299 22.12 -7.98 -13.16
C ILE A 299 22.53 -8.48 -14.56
N GLU A 300 22.95 -9.74 -14.65
CA GLU A 300 23.38 -10.38 -15.92
C GLU A 300 22.24 -10.32 -16.96
N LEU A 301 20.99 -10.55 -16.53
CA LEU A 301 19.80 -10.58 -17.41
C LEU A 301 19.34 -9.16 -17.77
N GLY A 302 19.97 -8.13 -17.21
CA GLY A 302 19.64 -6.71 -17.48
C GLY A 302 18.29 -6.32 -16.91
N LEU A 303 17.91 -6.86 -15.75
CA LEU A 303 16.58 -6.58 -15.15
C LEU A 303 16.45 -5.10 -14.81
N PRO A 304 17.51 -4.40 -14.32
CA PRO A 304 17.41 -2.96 -14.09
C PRO A 304 16.98 -2.15 -15.33
N ALA A 305 17.62 -2.35 -16.49
CA ALA A 305 17.25 -1.68 -17.75
C ALA A 305 15.86 -2.15 -18.23
N THR A 306 15.56 -3.44 -18.09
CA THR A 306 14.25 -4.05 -18.48
C THR A 306 13.14 -3.35 -17.68
N PHE A 307 13.31 -3.21 -16.37
CA PHE A 307 12.36 -2.49 -15.48
C PHE A 307 12.25 -1.02 -15.93
N ALA A 308 13.38 -0.34 -16.13
CA ALA A 308 13.43 1.10 -16.50
C ALA A 308 12.58 1.33 -17.76
N VAL A 309 12.76 0.49 -18.77
CA VAL A 309 12.03 0.59 -20.06
C VAL A 309 10.56 0.21 -19.85
N TYR A 310 10.27 -0.86 -19.12
CA TYR A 310 8.88 -1.27 -18.79
C TYR A 310 8.14 -0.10 -18.10
N GLU A 311 8.78 0.53 -17.12
CA GLU A 311 8.20 1.63 -16.32
C GLU A 311 7.82 2.78 -17.27
N GLU A 312 8.69 3.11 -18.23
CA GLU A 312 8.46 4.23 -19.18
C GLU A 312 7.30 3.88 -20.11
N GLU A 313 7.26 2.65 -20.62
CA GLU A 313 6.22 2.20 -21.59
C GLU A 313 4.87 2.10 -20.89
N SER A 314 4.86 1.55 -19.68
CA SER A 314 3.64 1.42 -18.84
C SER A 314 3.08 2.82 -18.51
N PHE A 315 3.94 3.79 -18.15
CA PHE A 315 3.56 5.19 -17.87
C PHE A 315 2.82 5.78 -19.09
N ASN A 316 3.41 5.61 -20.27
CA ASN A 316 2.84 6.12 -21.54
C ASN A 316 1.46 5.48 -21.78
N ILE A 317 1.33 4.16 -21.59
CA ILE A 317 0.07 3.38 -21.85
C ILE A 317 -1.02 3.85 -20.87
N ILE A 318 -0.69 3.94 -19.59
CA ILE A 318 -1.65 4.41 -18.54
C ILE A 318 -2.12 5.84 -18.90
N ARG A 319 -1.21 6.71 -19.35
CA ARG A 319 -1.55 8.10 -19.75
C ARG A 319 -2.56 8.09 -20.91
N THR A 320 -2.39 7.17 -21.86
CA THR A 320 -3.34 6.96 -23.00
C THR A 320 -4.71 6.56 -22.45
N HIS A 321 -4.75 5.63 -21.49
CA HIS A 321 -6.00 5.10 -20.89
C HIS A 321 -6.71 6.22 -20.11
N ILE A 322 -5.95 7.07 -19.41
CA ILE A 322 -6.49 8.24 -18.66
C ILE A 322 -7.18 9.19 -19.65
N HIS A 323 -6.58 9.42 -20.83
CA HIS A 323 -7.16 10.30 -21.88
C HIS A 323 -8.56 9.81 -22.29
N GLN A 324 -8.84 8.51 -22.16
CA GLN A 324 -10.11 7.87 -22.58
C GLN A 324 -11.19 7.98 -21.49
N ILE A 325 -10.83 8.35 -20.25
CA ILE A 325 -11.78 8.58 -19.12
C ILE A 325 -12.78 9.66 -19.53
N SER A 326 -14.08 9.41 -19.31
CA SER A 326 -15.18 10.37 -19.63
C SER A 326 -15.93 10.74 -18.35
N LYS A 327 -17.24 10.96 -18.44
CA LYS A 327 -18.08 11.56 -17.36
C LYS A 327 -17.40 12.86 -16.92
N GLY A 328 -17.67 13.32 -15.70
CA GLY A 328 -17.06 14.53 -15.13
C GLY A 328 -15.74 14.22 -14.47
N LEU A 329 -15.23 12.98 -14.59
CA LEU A 329 -14.01 12.54 -13.85
C LEU A 329 -12.83 13.40 -14.29
N PRO A 330 -12.14 14.08 -13.36
CA PRO A 330 -11.00 14.93 -13.70
C PRO A 330 -9.78 14.07 -14.07
N HIS A 331 -9.30 14.20 -15.31
CA HIS A 331 -8.09 13.48 -15.81
C HIS A 331 -6.88 13.83 -14.92
N ASP A 332 -6.78 15.08 -14.50
CA ASP A 332 -5.61 15.63 -13.74
C ASP A 332 -5.45 14.88 -12.42
N LEU A 333 -6.53 14.33 -11.85
CA LEU A 333 -6.45 13.54 -10.59
C LEU A 333 -5.56 12.31 -10.83
N PHE A 334 -5.84 11.56 -11.90
CA PHE A 334 -5.11 10.32 -12.23
C PHE A 334 -3.69 10.66 -12.68
N PHE A 335 -3.52 11.76 -13.43
CA PHE A 335 -2.18 12.23 -13.89
C PHE A 335 -1.30 12.58 -12.69
N LYS A 336 -1.87 13.29 -11.70
CA LYS A 336 -1.17 13.68 -10.44
C LYS A 336 -0.70 12.43 -9.69
N ILE A 337 -1.57 11.42 -9.54
CA ILE A 337 -1.23 10.15 -8.85
C ILE A 337 -0.04 9.51 -9.57
N MET A 338 -0.09 9.42 -10.90
CA MET A 338 0.98 8.79 -11.71
C MET A 338 2.29 9.59 -11.57
N LYS A 339 2.21 10.92 -11.69
CA LYS A 339 3.39 11.81 -11.58
C LYS A 339 4.05 11.61 -10.21
N LYS A 340 3.26 11.39 -9.15
CA LYS A 340 3.79 11.25 -7.76
C LYS A 340 4.62 9.97 -7.63
N ILE A 341 4.26 8.88 -8.34
CA ILE A 341 4.91 7.55 -8.12
C ILE A 341 5.94 7.25 -9.23
N TYR A 342 5.86 7.92 -10.38
CA TYR A 342 6.71 7.63 -11.57
C TYR A 342 8.19 7.80 -11.21
N LYS A 343 8.98 6.74 -11.46
CA LYS A 343 10.46 6.70 -11.32
C LYS A 343 10.86 6.92 -9.87
N ARG A 344 9.99 6.56 -8.92
CA ARG A 344 10.27 6.68 -7.46
C ARG A 344 11.44 5.76 -7.09
N ASP A 345 12.24 6.16 -6.10
CA ASP A 345 13.34 5.35 -5.51
C ASP A 345 12.97 4.93 -4.08
N ALA A 346 11.71 5.12 -3.67
CA ALA A 346 11.22 4.85 -2.29
C ALA A 346 9.70 4.75 -2.28
MG MG B . 8.01 -5.48 -1.47
MG MG C . 6.75 -7.24 2.85
MG MG D . 4.47 -9.26 1.84
C1 GOL E . 15.67 -3.01 -0.50
O1 GOL E . 15.14 -1.73 -0.14
C2 GOL E . 17.17 -3.11 -0.25
O2 GOL E . 17.43 -4.09 0.75
C3 GOL E . 17.96 -3.46 -1.49
O3 GOL E . 18.12 -4.86 -1.68
O17 ZOL F . 3.90 -7.08 -0.70
P14 ZOL F . 5.20 -6.70 -0.06
O16 ZOL F . 5.47 -7.57 1.16
O15 ZOL F . 6.36 -6.76 -1.03
C8 ZOL F . 5.09 -4.95 0.49
P9 ZOL F . 6.66 -4.40 1.27
O10 ZOL F . 6.38 -3.01 1.70
O11 ZOL F . 6.99 -5.30 2.43
O12 ZOL F . 7.76 -4.43 0.24
O13 ZOL F . 4.85 -4.12 -0.67
C7 ZOL F . 3.93 -4.69 1.48
N15 ZOL F . 2.62 -5.04 0.94
C16 ZOL F . 2.00 -4.51 -0.13
N17 ZOL F . 0.83 -5.04 -0.35
C18 ZOL F . 0.68 -5.98 0.65
C19 ZOL F . 1.78 -5.99 1.44
C1 GPP G . 7.14 4.44 2.21
O1 GPP G . 5.76 4.64 2.57
C2 GPP G . 8.07 4.91 3.30
C3 GPP G . 9.17 5.64 3.16
C4 GPP G . 9.80 5.97 1.84
C5 GPP G . 9.90 6.22 4.35
C6 GPP G . 11.29 5.66 4.56
C7 GPP G . 11.97 6.23 5.77
C8 GPP G . 13.27 6.45 5.97
C9 GPP G . 14.33 6.08 4.98
C10 GPP G . 13.80 7.09 7.22
PA GPP G . 4.94 3.45 3.26
O1A GPP G . 3.54 3.90 3.48
O2A GPP G . 5.75 2.92 4.40
O3A GPP G . 4.92 2.29 2.15
PB GPP G . 4.41 2.15 0.61
O1B GPP G . 5.68 2.10 -0.20
O2B GPP G . 3.56 3.36 0.32
O3B GPP G . 3.63 0.86 0.59
#